data_6RW7
#
_entry.id   6RW7
#
_cell.length_a   36.644
_cell.length_b   62.516
_cell.length_c   43.185
_cell.angle_alpha   90.000
_cell.angle_beta   99.130
_cell.angle_gamma   90.000
#
_symmetry.space_group_name_H-M   'P 1 21 1'
#
loop_
_entity.id
_entity.type
_entity.pdbx_description
1 polymer 'Carbohydrate binding module family 33 and 10 domain protein'
2 non-polymer 'SODIUM ION'
3 non-polymer 'COPPER (II) ION'
4 non-polymer 'COPPER (I) ION'
5 water water
#
_entity_poly.entity_id   1
_entity_poly.type   'polypeptide(L)'
_entity_poly.pdbx_seq_one_letter_code
;HGYIESPPSRQQHCGAEQKPDNPSSAKCDEAFANYRAAGGQNSHWYNFMSVVAHHEGRKVVKGTEHVCGFDGETWNPAPY
DTPANWPVTSFNSGQQTFVWDISYGPHFSDTEELVFYITKPGFSFDPTRELTWADFEDQPFCDESIVPGDFSTNSAVEAD
MANSHINVTCNVPSRSGRHVIFAEWGRNEHTYERFFSCVDVDFGWSHPNFEK
;
_entity_poly.pdbx_strand_id   A
#
loop_
_chem_comp.id
_chem_comp.type
_chem_comp.name
_chem_comp.formula
CU non-polymer 'COPPER (II) ION' 'Cu 2'
CU1 non-polymer 'COPPER (I) ION' 'Cu 1'
NA non-polymer 'SODIUM ION' 'Na 1'
#
# COMPACT_ATOMS: atom_id res chain seq x y z
N HIS A 1 -1.70 -4.60 12.39
CA HIS A 1 -1.38 -5.40 11.19
C HIS A 1 -2.42 -5.14 10.13
N GLY A 2 -2.00 -4.69 8.97
CA GLY A 2 -2.98 -4.31 7.95
C GLY A 2 -2.38 -3.97 6.62
N TYR A 3 -3.30 -3.69 5.70
CA TYR A 3 -2.98 -3.48 4.27
C TYR A 3 -4.22 -2.83 3.66
N ILE A 4 -4.09 -2.25 2.48
CA ILE A 4 -5.23 -1.62 1.81
C ILE A 4 -6.02 -2.69 1.04
N GLU A 5 -7.29 -2.78 1.37
CA GLU A 5 -8.23 -3.74 0.75
C GLU A 5 -8.89 -3.14 -0.51
N SER A 6 -9.24 -1.86 -0.47
CA SER A 6 -9.94 -1.19 -1.58
C SER A 6 -9.41 0.22 -1.73
N PRO A 7 -8.92 0.65 -2.92
CA PRO A 7 -8.69 -0.23 -4.06
C PRO A 7 -7.66 -1.29 -3.67
N PRO A 8 -7.65 -2.46 -4.35
CA PRO A 8 -6.85 -3.57 -3.87
C PRO A 8 -5.36 -3.28 -3.99
N SER A 9 -4.67 -3.36 -2.86
CA SER A 9 -3.20 -3.21 -2.78
C SER A 9 -2.52 -4.47 -3.29
N ARG A 10 -1.21 -4.41 -3.38
CA ARG A 10 -0.41 -5.59 -3.74
C ARG A 10 -0.70 -6.73 -2.75
N GLN A 11 -0.86 -6.39 -1.48
CA GLN A 11 -1.11 -7.40 -0.42
C GLN A 11 -2.53 -7.98 -0.54
N GLN A 12 -3.48 -7.22 -1.02
CA GLN A 12 -4.87 -7.70 -1.23
C GLN A 12 -4.84 -8.73 -2.37
N HIS A 13 -4.25 -8.38 -3.49
CA HIS A 13 -4.19 -9.30 -4.65
C HIS A 13 -3.37 -10.54 -4.31
N CYS A 14 -2.14 -10.32 -3.81
CA CYS A 14 -1.09 -11.35 -3.66
C CYS A 14 -0.79 -11.45 -2.18
N GLY A 15 -1.50 -12.34 -1.49
CA GLY A 15 -1.59 -12.32 -0.02
C GLY A 15 -2.99 -12.66 0.40
N ALA A 16 -3.86 -11.68 0.50
CA ALA A 16 -5.22 -11.93 1.00
C ALA A 16 -5.95 -12.86 0.03
N GLU A 17 -5.85 -12.59 -1.26
CA GLU A 17 -6.58 -13.36 -2.29
C GLU A 17 -5.72 -14.52 -2.78
N GLN A 18 -4.68 -14.25 -3.55
CA GLN A 18 -3.89 -15.33 -4.19
C GLN A 18 -2.71 -15.69 -3.29
N LYS A 19 -2.50 -17.00 -3.11
CA LYS A 19 -1.34 -17.55 -2.39
C LYS A 19 -0.51 -18.37 -3.37
N PRO A 20 0.83 -18.30 -3.28
CA PRO A 20 1.67 -18.87 -4.32
C PRO A 20 1.65 -20.40 -4.36
N ASP A 21 1.27 -21.05 -3.27
CA ASP A 21 1.26 -22.53 -3.23
CA ASP A 21 1.23 -22.53 -3.18
C ASP A 21 -0.08 -23.06 -3.76
N ASN A 22 -1.04 -22.20 -4.09
CA ASN A 22 -2.37 -22.70 -4.57
CA ASN A 22 -2.40 -22.66 -4.48
C ASN A 22 -3.16 -21.57 -5.22
N PRO A 23 -2.60 -20.88 -6.23
CA PRO A 23 -3.35 -19.79 -6.85
C PRO A 23 -4.58 -20.27 -7.64
N SER A 24 -5.61 -19.43 -7.69
CA SER A 24 -6.85 -19.69 -8.47
C SER A 24 -6.92 -18.71 -9.65
N SER A 25 -5.97 -17.78 -9.75
CA SER A 25 -5.88 -16.77 -10.83
C SER A 25 -4.40 -16.71 -11.24
N ALA A 26 -4.10 -16.27 -12.44
CA ALA A 26 -2.71 -16.08 -12.91
C ALA A 26 -2.18 -14.70 -12.51
N LYS A 27 -3.01 -13.82 -11.93
CA LYS A 27 -2.67 -12.37 -11.84
C LYS A 27 -1.40 -12.11 -11.02
N CYS A 28 -1.08 -12.94 -10.02
CA CYS A 28 0.14 -12.77 -9.18
C CYS A 28 1.30 -13.66 -9.67
N ASP A 29 1.14 -14.37 -10.78
CA ASP A 29 2.14 -15.38 -11.17
C ASP A 29 3.54 -14.76 -11.32
N GLU A 30 3.65 -13.61 -11.98
CA GLU A 30 4.96 -12.97 -12.26
CA GLU A 30 4.98 -13.04 -12.25
C GLU A 30 5.58 -12.54 -10.93
N ALA A 31 4.80 -11.86 -10.08
CA ALA A 31 5.28 -11.40 -8.76
C ALA A 31 5.80 -12.61 -7.97
N PHE A 32 5.01 -13.69 -7.91
CA PHE A 32 5.39 -14.92 -7.19
C PHE A 32 6.67 -15.53 -7.77
N ALA A 33 6.72 -15.65 -9.09
CA ALA A 33 7.86 -16.27 -9.79
C ALA A 33 9.14 -15.43 -9.64
N ASN A 34 9.03 -14.12 -9.79
CA ASN A 34 10.20 -13.22 -9.71
C ASN A 34 10.72 -13.23 -8.29
N TYR A 35 9.84 -13.35 -7.28
CA TYR A 35 10.31 -13.39 -5.88
C TYR A 35 11.09 -14.69 -5.67
N ARG A 36 10.56 -15.84 -6.10
CA ARG A 36 11.30 -17.12 -5.92
C ARG A 36 12.66 -17.01 -6.64
N ALA A 37 12.68 -16.42 -7.82
CA ALA A 37 13.91 -16.31 -8.63
C ALA A 37 14.98 -15.50 -7.88
N ALA A 38 14.56 -14.56 -7.03
CA ALA A 38 15.46 -13.68 -6.26
C ALA A 38 15.81 -14.30 -4.90
N GLY A 39 15.34 -15.52 -4.60
CA GLY A 39 15.65 -16.18 -3.32
C GLY A 39 14.57 -15.96 -2.27
N GLY A 40 13.44 -15.34 -2.63
CA GLY A 40 12.30 -15.23 -1.70
C GLY A 40 11.58 -16.54 -1.52
N GLN A 41 10.80 -16.67 -0.44
CA GLN A 41 10.11 -17.92 -0.04
C GLN A 41 8.62 -17.74 -0.29
N ASN A 42 7.95 -18.76 -0.80
CA ASN A 42 6.48 -18.73 -0.97
C ASN A 42 5.80 -18.38 0.36
N SER A 43 6.30 -18.89 1.48
CA SER A 43 5.61 -18.71 2.78
C SER A 43 5.56 -17.23 3.15
N HIS A 44 6.46 -16.42 2.60
CA HIS A 44 6.52 -14.99 2.99
C HIS A 44 5.21 -14.26 2.67
N TRP A 45 4.50 -14.69 1.62
CA TRP A 45 3.26 -14.01 1.16
C TRP A 45 2.13 -14.20 2.19
N TYR A 46 2.27 -15.16 3.09
CA TYR A 46 1.29 -15.35 4.19
C TYR A 46 1.39 -14.18 5.19
N ASN A 47 2.50 -13.43 5.18
CA ASN A 47 2.69 -12.24 6.05
C ASN A 47 2.31 -10.96 5.31
N PHE A 48 1.28 -11.03 4.50
CA PHE A 48 0.84 -9.88 3.67
C PHE A 48 0.37 -8.74 4.56
N MET A 49 0.02 -9.02 5.83
CA MET A 49 -0.47 -8.00 6.79
C MET A 49 0.67 -7.39 7.59
N SER A 50 1.91 -7.73 7.27
CA SER A 50 3.05 -7.46 8.18
C SER A 50 4.15 -6.67 7.49
N VAL A 51 3.81 -5.72 6.63
CA VAL A 51 4.85 -4.80 6.09
C VAL A 51 4.96 -3.66 7.11
N VAL A 52 5.96 -3.71 7.98
CA VAL A 52 5.93 -2.99 9.27
C VAL A 52 7.27 -2.37 9.64
N ALA A 53 7.18 -1.25 10.33
CA ALA A 53 8.33 -0.58 10.96
C ALA A 53 7.86 0.08 12.25
N HIS A 54 8.78 0.67 13.00
CA HIS A 54 8.46 1.42 14.23
C HIS A 54 9.14 2.77 14.14
N HIS A 55 8.55 3.67 13.36
CA HIS A 55 9.07 5.04 13.16
C HIS A 55 7.99 5.86 12.46
N GLU A 56 8.31 7.10 12.13
CA GLU A 56 7.33 8.11 11.66
C GLU A 56 7.09 8.04 10.14
N GLY A 57 7.68 7.09 9.43
CA GLY A 57 7.40 6.87 8.01
C GLY A 57 8.06 7.90 7.10
N ARG A 58 7.63 7.91 5.85
CA ARG A 58 8.29 8.65 4.75
C ARG A 58 8.30 10.17 4.99
N LYS A 59 7.41 10.75 5.77
CA LYS A 59 7.48 12.21 6.04
C LYS A 59 8.80 12.52 6.74
N VAL A 60 9.33 11.58 7.49
CA VAL A 60 10.54 11.78 8.35
C VAL A 60 11.71 10.97 7.81
N VAL A 61 11.51 9.69 7.52
CA VAL A 61 12.58 8.71 7.22
C VAL A 61 12.80 8.75 5.71
N LYS A 62 13.90 9.33 5.23
CA LYS A 62 14.10 9.58 3.78
C LYS A 62 15.07 8.58 3.15
N GLY A 63 15.74 7.76 3.94
CA GLY A 63 16.90 7.01 3.44
C GLY A 63 16.60 5.57 3.08
N THR A 64 15.35 5.13 2.92
CA THR A 64 15.14 3.69 2.62
C THR A 64 15.58 3.35 1.19
N GLU A 65 16.10 2.14 1.01
CA GLU A 65 16.47 1.57 -0.31
C GLU A 65 15.18 1.27 -1.08
N HIS A 66 14.16 0.78 -0.37
CA HIS A 66 12.93 0.26 -0.99
C HIS A 66 11.73 1.15 -0.64
N VAL A 67 10.75 1.16 -1.54
CA VAL A 67 9.49 1.90 -1.36
C VAL A 67 8.47 1.03 -0.63
N CYS A 68 7.86 0.07 -1.32
CA CYS A 68 6.66 -0.62 -0.79
C CYS A 68 6.99 -1.38 0.50
N GLY A 69 8.18 -1.98 0.60
CA GLY A 69 8.59 -2.75 1.80
C GLY A 69 9.11 -1.84 2.88
N PHE A 70 9.49 -0.61 2.50
CA PHE A 70 10.07 0.46 3.37
C PHE A 70 11.22 -0.09 4.24
N ASP A 71 12.01 -1.01 3.72
CA ASP A 71 13.19 -1.61 4.43
C ASP A 71 12.72 -2.14 5.80
N GLY A 72 11.50 -2.68 5.83
CA GLY A 72 10.79 -3.04 7.06
C GLY A 72 11.31 -4.31 7.74
N GLU A 73 10.60 -4.72 8.79
CA GLU A 73 11.15 -5.64 9.79
C GLU A 73 10.89 -7.10 9.46
N THR A 74 9.79 -7.44 8.81
CA THR A 74 9.45 -8.87 8.60
C THR A 74 10.44 -9.50 7.61
N TRP A 75 10.68 -8.81 6.50
CA TRP A 75 11.65 -9.18 5.45
C TRP A 75 12.09 -7.91 4.75
N ASN A 76 13.32 -7.93 4.25
CA ASN A 76 13.86 -6.77 3.48
C ASN A 76 14.79 -7.37 2.44
N PRO A 77 14.48 -7.32 1.13
CA PRO A 77 13.28 -6.71 0.58
C PRO A 77 11.99 -7.47 0.93
N ALA A 78 10.86 -6.79 0.83
CA ALA A 78 9.53 -7.42 0.99
C ALA A 78 9.16 -8.15 -0.31
N PRO A 79 8.26 -9.14 -0.26
CA PRO A 79 7.64 -9.66 -1.48
C PRO A 79 7.13 -8.52 -2.37
N TYR A 80 6.63 -7.46 -1.73
CA TYR A 80 5.91 -6.33 -2.38
C TYR A 80 6.87 -5.36 -3.05
N ASP A 81 8.18 -5.55 -2.87
CA ASP A 81 9.22 -4.76 -3.59
C ASP A 81 9.55 -5.41 -4.93
N THR A 82 9.23 -6.69 -5.13
CA THR A 82 9.62 -7.46 -6.33
C THR A 82 9.24 -6.68 -7.60
N PRO A 83 10.18 -6.42 -8.53
CA PRO A 83 9.80 -5.95 -9.87
C PRO A 83 8.92 -6.99 -10.58
N ALA A 84 7.78 -6.56 -11.07
CA ALA A 84 6.84 -7.41 -11.83
C ALA A 84 5.78 -6.58 -12.52
N ASN A 85 5.07 -7.18 -13.46
CA ASN A 85 3.75 -6.70 -13.92
CA ASN A 85 3.76 -6.71 -13.93
C ASN A 85 2.74 -7.11 -12.86
N TRP A 86 2.59 -6.29 -11.83
CA TRP A 86 1.62 -6.54 -10.74
C TRP A 86 0.19 -6.36 -11.25
N PRO A 87 -0.83 -6.98 -10.62
CA PRO A 87 -2.21 -6.72 -10.97
C PRO A 87 -2.54 -5.23 -10.80
N VAL A 88 -3.30 -4.68 -11.74
N VAL A 88 -3.28 -4.68 -11.75
CA VAL A 88 -3.63 -3.22 -11.81
CA VAL A 88 -3.68 -3.26 -11.74
C VAL A 88 -5.14 -3.05 -11.86
C VAL A 88 -5.20 -3.19 -11.66
N THR A 89 -5.71 -2.09 -11.12
CA THR A 89 -7.15 -1.83 -11.19
C THR A 89 -7.37 -0.40 -11.67
N SER A 90 -8.45 -0.27 -12.41
CA SER A 90 -8.92 1.01 -12.96
CA SER A 90 -8.91 1.02 -12.95
C SER A 90 -9.26 1.95 -11.80
N PHE A 91 -8.91 3.22 -11.93
CA PHE A 91 -9.10 4.16 -10.82
C PHE A 91 -9.33 5.55 -11.38
N ASN A 92 -9.97 6.38 -10.58
CA ASN A 92 -10.33 7.76 -10.96
C ASN A 92 -9.68 8.73 -9.96
N SER A 93 -9.39 9.93 -10.43
CA SER A 93 -8.91 11.03 -9.58
C SER A 93 -10.08 11.66 -8.81
N GLY A 94 -9.77 12.62 -7.97
CA GLY A 94 -10.77 13.32 -7.15
C GLY A 94 -11.06 12.59 -5.86
N GLN A 95 -12.21 12.83 -5.25
CA GLN A 95 -12.54 12.26 -3.91
CA GLN A 95 -12.56 12.27 -3.91
C GLN A 95 -12.66 10.75 -4.05
N GLN A 96 -11.85 10.01 -3.29
CA GLN A 96 -11.88 8.53 -3.27
C GLN A 96 -11.75 8.07 -1.81
N THR A 97 -12.38 6.96 -1.47
CA THR A 97 -12.24 6.33 -0.14
C THR A 97 -11.24 5.18 -0.24
N PHE A 98 -10.23 5.19 0.62
CA PHE A 98 -9.25 4.08 0.75
C PHE A 98 -9.62 3.28 1.98
N VAL A 99 -9.67 1.97 1.86
CA VAL A 99 -10.09 1.07 2.96
C VAL A 99 -8.87 0.28 3.41
N TRP A 100 -8.41 0.55 4.62
CA TRP A 100 -7.40 -0.31 5.28
C TRP A 100 -8.15 -1.45 5.97
N ASP A 101 -7.76 -2.68 5.69
CA ASP A 101 -8.20 -3.82 6.52
C ASP A 101 -7.20 -3.98 7.65
N ILE A 102 -7.68 -3.89 8.89
CA ILE A 102 -6.81 -4.05 10.08
C ILE A 102 -7.32 -5.24 10.92
N SER A 103 -8.03 -6.17 10.29
CA SER A 103 -8.66 -7.33 10.98
C SER A 103 -7.58 -8.18 11.69
N TYR A 104 -6.40 -8.33 11.12
CA TYR A 104 -5.35 -9.22 11.71
C TYR A 104 -4.65 -8.54 12.88
N GLY A 105 -4.90 -7.25 13.12
CA GLY A 105 -4.33 -6.53 14.27
C GLY A 105 -5.02 -5.19 14.41
N PRO A 106 -6.25 -5.17 14.98
CA PRO A 106 -7.11 -4.00 14.87
C PRO A 106 -6.80 -2.93 15.92
N HIS A 107 -5.66 -2.27 15.72
CA HIS A 107 -5.11 -1.25 16.63
C HIS A 107 -5.84 0.10 16.42
N PHE A 108 -7.15 0.14 16.58
CA PHE A 108 -7.94 1.39 16.48
C PHE A 108 -7.50 2.37 17.57
N SER A 109 -7.30 1.87 18.78
CA SER A 109 -7.24 2.71 20.01
C SER A 109 -6.06 3.70 19.99
N ASP A 110 -4.97 3.43 19.26
CA ASP A 110 -3.83 4.37 19.20
C ASP A 110 -3.46 4.62 17.73
N THR A 111 -4.37 4.37 16.79
CA THR A 111 -4.19 4.85 15.41
C THR A 111 -4.01 6.37 15.43
N GLU A 112 -3.03 6.90 14.71
CA GLU A 112 -2.79 8.36 14.67
C GLU A 112 -2.92 8.91 13.25
N GLU A 113 -2.36 8.27 12.23
CA GLU A 113 -2.43 8.94 10.91
C GLU A 113 -2.43 7.94 9.76
N LEU A 114 -3.00 8.42 8.67
CA LEU A 114 -3.06 7.68 7.39
C LEU A 114 -2.44 8.62 6.36
N VAL A 115 -1.37 8.19 5.71
CA VAL A 115 -0.56 9.03 4.80
C VAL A 115 -0.52 8.36 3.44
N PHE A 116 -0.64 9.13 2.36
CA PHE A 116 -0.66 8.58 0.99
C PHE A 116 0.20 9.44 0.07
N TYR A 117 1.03 8.77 -0.69
CA TYR A 117 1.86 9.37 -1.76
C TYR A 117 1.46 8.75 -3.09
N ILE A 118 1.66 9.50 -4.18
CA ILE A 118 1.42 8.94 -5.54
C ILE A 118 2.66 9.21 -6.37
N THR A 119 2.85 8.40 -7.40
CA THR A 119 3.91 8.62 -8.39
C THR A 119 3.74 10.00 -9.04
N LYS A 120 4.85 10.57 -9.46
CA LYS A 120 4.90 11.86 -10.16
C LYS A 120 4.07 11.75 -11.45
N PRO A 121 3.56 12.89 -11.95
CA PRO A 121 2.68 12.82 -13.11
C PRO A 121 3.33 12.22 -14.36
N GLY A 122 4.63 12.42 -14.53
CA GLY A 122 5.41 11.92 -15.68
C GLY A 122 5.97 10.53 -15.48
N PHE A 123 5.60 9.85 -14.40
CA PHE A 123 6.10 8.48 -14.11
C PHE A 123 5.79 7.51 -15.25
N SER A 124 6.76 6.65 -15.59
CA SER A 124 6.67 5.60 -16.62
C SER A 124 6.91 4.26 -15.95
N PHE A 125 5.84 3.52 -15.67
CA PHE A 125 5.90 2.22 -14.93
C PHE A 125 6.83 1.26 -15.66
N ASP A 126 7.80 0.70 -14.94
CA ASP A 126 8.83 -0.24 -15.47
C ASP A 126 8.72 -1.54 -14.69
N PRO A 127 8.13 -2.60 -15.26
CA PRO A 127 8.00 -3.86 -14.53
C PRO A 127 9.31 -4.64 -14.30
N THR A 128 10.49 -4.12 -14.69
CA THR A 128 11.79 -4.81 -14.59
C THR A 128 12.63 -4.24 -13.46
N ARG A 129 12.21 -3.12 -12.88
CA ARG A 129 13.05 -2.45 -11.87
C ARG A 129 12.16 -2.16 -10.67
N GLU A 130 12.79 -2.01 -9.52
CA GLU A 130 12.09 -1.59 -8.29
C GLU A 130 11.70 -0.12 -8.43
N LEU A 131 10.60 0.23 -7.78
CA LEU A 131 10.27 1.65 -7.55
C LEU A 131 11.41 2.32 -6.78
N THR A 132 11.62 3.60 -7.05
CA THR A 132 12.57 4.46 -6.33
C THR A 132 11.81 5.67 -5.83
N TRP A 133 12.40 6.39 -4.88
CA TRP A 133 11.77 7.63 -4.35
C TRP A 133 11.66 8.68 -5.46
N ALA A 134 12.55 8.65 -6.46
CA ALA A 134 12.48 9.62 -7.57
C ALA A 134 11.18 9.42 -8.37
N ASP A 135 10.54 8.25 -8.28
CA ASP A 135 9.26 7.99 -8.99
C ASP A 135 8.09 8.71 -8.29
N PHE A 136 8.24 9.10 -7.03
CA PHE A 136 7.13 9.56 -6.19
C PHE A 136 7.21 11.05 -5.91
N GLU A 137 6.04 11.65 -5.75
CA GLU A 137 5.92 13.04 -5.23
CA GLU A 137 5.92 13.04 -5.23
C GLU A 137 6.63 13.13 -3.88
N ASP A 138 7.26 14.26 -3.63
CA ASP A 138 8.04 14.48 -2.39
C ASP A 138 7.11 14.59 -1.19
N GLN A 139 5.91 15.10 -1.36
CA GLN A 139 4.94 15.33 -0.26
C GLN A 139 3.76 14.42 -0.48
N PRO A 140 3.08 14.01 0.61
CA PRO A 140 1.87 13.20 0.45
C PRO A 140 0.72 14.00 -0.17
N PHE A 141 -0.14 13.35 -0.94
CA PHE A 141 -1.37 13.99 -1.48
C PHE A 141 -2.50 13.90 -0.46
N CYS A 142 -2.39 13.02 0.53
CA CYS A 142 -3.42 12.84 1.57
C CYS A 142 -2.70 12.51 2.86
N ASP A 143 -2.97 13.25 3.91
CA ASP A 143 -2.29 13.08 5.21
C ASP A 143 -3.31 13.46 6.27
N GLU A 144 -3.96 12.47 6.85
CA GLU A 144 -5.11 12.68 7.75
C GLU A 144 -4.73 12.09 9.09
N SER A 145 -4.79 12.91 10.13
CA SER A 145 -4.48 12.48 11.50
C SER A 145 -5.69 12.65 12.41
N ILE A 146 -5.71 11.85 13.47
CA ILE A 146 -6.70 11.91 14.56
C ILE A 146 -5.95 12.04 15.87
N VAL A 147 -6.57 12.67 16.85
CA VAL A 147 -6.20 12.42 18.26
C VAL A 147 -6.22 10.90 18.42
N PRO A 148 -5.13 10.27 18.91
CA PRO A 148 -5.00 8.82 18.79
C PRO A 148 -6.23 8.06 19.31
N GLY A 149 -6.82 7.24 18.44
CA GLY A 149 -7.96 6.37 18.76
C GLY A 149 -9.30 7.07 18.73
N ASP A 150 -9.30 8.39 18.57
CA ASP A 150 -10.55 9.19 18.61
C ASP A 150 -10.91 9.60 17.18
N PHE A 151 -11.72 8.79 16.52
CA PHE A 151 -12.00 8.98 15.07
C PHE A 151 -12.94 10.16 14.86
N SER A 152 -13.61 10.65 15.92
CA SER A 152 -14.50 11.84 15.81
C SER A 152 -13.68 13.11 15.55
N THR A 153 -12.36 13.06 15.67
CA THR A 153 -11.52 14.29 15.57
C THR A 153 -11.10 14.56 14.12
N ASN A 154 -11.53 13.76 13.14
CA ASN A 154 -11.19 14.02 11.71
C ASN A 154 -12.33 13.46 10.86
N SER A 155 -13.05 14.31 10.17
CA SER A 155 -14.24 13.87 9.39
C SER A 155 -13.83 13.07 8.16
N ALA A 156 -12.55 13.05 7.81
CA ALA A 156 -12.05 12.26 6.66
C ALA A 156 -11.71 10.82 7.05
N VAL A 157 -11.73 10.47 8.33
CA VAL A 157 -11.23 9.15 8.81
C VAL A 157 -12.36 8.48 9.60
N GLU A 158 -12.73 7.26 9.25
CA GLU A 158 -13.81 6.52 9.90
C GLU A 158 -13.31 5.15 10.36
N ALA A 159 -13.65 4.76 11.58
CA ALA A 159 -13.44 3.40 12.10
C ALA A 159 -14.67 2.56 11.78
N ASP A 160 -14.50 1.43 11.09
CA ASP A 160 -15.58 0.44 10.88
C ASP A 160 -15.27 -0.75 11.79
N MET A 161 -15.85 -0.76 12.98
CA MET A 161 -15.51 -1.79 14.00
C MET A 161 -16.05 -3.15 13.56
N ALA A 162 -17.14 -3.18 12.82
CA ALA A 162 -17.79 -4.44 12.38
C ALA A 162 -16.88 -5.19 11.41
N ASN A 163 -16.27 -4.46 10.47
CA ASN A 163 -15.39 -5.09 9.45
C ASN A 163 -13.92 -5.03 9.85
N SER A 164 -13.57 -4.37 10.95
CA SER A 164 -12.16 -4.06 11.33
C SER A 164 -11.49 -3.33 10.16
N HIS A 165 -12.11 -2.25 9.69
CA HIS A 165 -11.57 -1.40 8.61
C HIS A 165 -11.37 0.02 9.11
N ILE A 166 -10.39 0.71 8.54
CA ILE A 166 -10.31 2.19 8.62
C ILE A 166 -10.60 2.73 7.23
N ASN A 167 -11.57 3.62 7.09
CA ASN A 167 -11.93 4.25 5.80
C ASN A 167 -11.40 5.69 5.83
N VAL A 168 -10.57 6.05 4.85
CA VAL A 168 -10.02 7.42 4.75
C VAL A 168 -10.48 7.99 3.43
N THR A 169 -10.99 9.22 3.43
CA THR A 169 -11.38 9.92 2.18
C THR A 169 -10.27 10.88 1.79
N CYS A 170 -9.84 10.82 0.53
CA CYS A 170 -8.68 11.58 0.02
C CYS A 170 -9.07 12.24 -1.29
N ASN A 171 -8.43 13.35 -1.61
CA ASN A 171 -8.49 13.98 -2.95
C ASN A 171 -7.33 13.43 -3.77
N VAL A 172 -7.60 12.48 -4.66
CA VAL A 172 -6.56 11.85 -5.51
C VAL A 172 -6.22 12.82 -6.64
N PRO A 173 -4.92 13.13 -6.83
CA PRO A 173 -4.49 14.02 -7.91
C PRO A 173 -4.85 13.47 -9.29
N SER A 174 -5.03 14.38 -10.23
CA SER A 174 -5.28 14.03 -11.65
C SER A 174 -4.07 13.27 -12.15
N ARG A 175 -4.31 12.13 -12.76
CA ARG A 175 -3.26 11.27 -13.34
C ARG A 175 -3.82 10.62 -14.58
N SER A 176 -2.91 10.20 -15.45
CA SER A 176 -3.22 9.39 -16.65
C SER A 176 -2.35 8.16 -16.69
N GLY A 177 -2.88 7.03 -17.18
CA GLY A 177 -2.11 5.80 -17.30
C GLY A 177 -1.75 5.19 -15.96
N ARG A 178 -0.63 4.47 -15.94
CA ARG A 178 -0.31 3.55 -14.83
C ARG A 178 0.53 4.26 -13.78
N HIS A 179 0.04 4.19 -12.54
CA HIS A 179 0.64 4.86 -11.37
C HIS A 179 0.67 3.92 -10.18
N VAL A 180 1.36 4.37 -9.14
CA VAL A 180 1.41 3.63 -7.86
C VAL A 180 1.09 4.58 -6.74
N ILE A 181 0.26 4.13 -5.81
CA ILE A 181 0.01 4.84 -4.53
C ILE A 181 0.77 4.09 -3.43
N PHE A 182 1.57 4.82 -2.67
CA PHE A 182 2.33 4.31 -1.51
C PHE A 182 1.66 4.88 -0.26
N ALA A 183 1.22 4.02 0.65
CA ALA A 183 0.40 4.45 1.80
C ALA A 183 0.95 3.89 3.11
N GLU A 184 0.70 4.65 4.16
CA GLU A 184 1.11 4.28 5.52
C GLU A 184 -0.06 4.39 6.48
N TRP A 185 -0.08 3.47 7.44
CA TRP A 185 -1.00 3.53 8.60
C TRP A 185 -0.11 3.60 9.84
N GLY A 186 -0.12 4.73 10.52
CA GLY A 186 0.78 4.92 11.67
C GLY A 186 0.03 4.98 12.98
N ARG A 187 0.50 4.20 13.94
CA ARG A 187 0.06 4.31 15.35
C ARG A 187 0.87 5.42 16.02
N ASN A 188 0.43 5.82 17.20
CA ASN A 188 1.04 6.96 17.90
C ASN A 188 2.37 6.54 18.52
N GLU A 189 2.97 7.47 19.26
CA GLU A 189 4.34 7.34 19.80
C GLU A 189 4.46 6.22 20.83
N HIS A 190 3.38 5.64 21.37
CA HIS A 190 3.54 4.53 22.36
C HIS A 190 4.38 3.42 21.72
N THR A 191 4.16 3.13 20.44
CA THR A 191 4.87 2.09 19.66
C THR A 191 5.54 2.66 18.41
N TYR A 192 4.96 3.71 17.82
CA TYR A 192 5.29 4.22 16.47
C TYR A 192 5.15 3.11 15.43
N GLU A 193 4.38 2.06 15.72
CA GLU A 193 4.26 0.96 14.74
C GLU A 193 3.48 1.48 13.53
N ARG A 194 3.98 1.14 12.36
CA ARG A 194 3.49 1.71 11.08
C ARG A 194 3.45 0.60 10.04
N PHE A 195 2.38 0.55 9.24
CA PHE A 195 2.19 -0.47 8.20
C PHE A 195 2.15 0.22 6.85
N PHE A 196 2.65 -0.48 5.85
CA PHE A 196 2.88 0.06 4.49
C PHE A 196 2.10 -0.74 3.47
N SER A 197 1.57 -0.07 2.45
CA SER A 197 0.76 -0.73 1.42
C SER A 197 0.86 0.04 0.11
N CYS A 198 1.21 -0.64 -0.97
CA CYS A 198 1.26 -0.07 -2.34
C CYS A 198 0.04 -0.52 -3.14
N VAL A 199 -0.51 0.38 -3.94
CA VAL A 199 -1.66 0.10 -4.83
C VAL A 199 -1.24 0.43 -6.25
N ASP A 200 -1.40 -0.53 -7.14
CA ASP A 200 -1.15 -0.37 -8.60
C ASP A 200 -2.46 0.05 -9.25
N VAL A 201 -2.51 1.25 -9.81
CA VAL A 201 -3.74 1.82 -10.39
C VAL A 201 -3.50 2.28 -11.83
N ASP A 202 -4.54 2.17 -12.65
CA ASP A 202 -4.53 2.62 -14.06
C ASP A 202 -5.63 3.69 -14.18
N PHE A 203 -5.23 4.92 -14.42
CA PHE A 203 -6.15 6.07 -14.57
C PHE A 203 -6.68 6.16 -16.00
N GLY A 204 -6.15 5.36 -16.92
CA GLY A 204 -6.53 5.45 -18.33
C GLY A 204 -6.19 6.80 -18.93
N TRP A 205 -6.84 7.09 -20.06
CA TRP A 205 -6.62 8.34 -20.83
C TRP A 205 -7.99 8.93 -21.15
N SER A 206 -8.31 9.97 -20.41
CA SER A 206 -9.60 10.70 -20.45
C SER A 206 -9.26 12.16 -20.14
N HIS A 207 -9.80 13.07 -20.93
CA HIS A 207 -9.75 14.54 -20.69
C HIS A 207 -11.05 15.14 -21.17
N PRO A 208 -11.67 16.07 -20.40
CA PRO A 208 -12.85 16.80 -20.88
C PRO A 208 -12.81 17.22 -22.35
NA NA B . -14.12 10.65 11.71
CU CU C . -11.83 -6.45 5.21
CU CU1 D . -0.69 -5.23 14.26
#